data_8QSC
#
_entry.id   8QSC
#
_cell.length_a   60.854
_cell.length_b   89.580
_cell.length_c   117.553
_cell.angle_alpha   90.00
_cell.angle_beta   90.00
_cell.angle_gamma   90.00
#
_symmetry.space_group_name_H-M   'P 2 21 21'
#
loop_
_entity.id
_entity.type
_entity.pdbx_description
1 polymer '14-3-3 protein sigma'
2 polymer 'ARAF peptide pS214'
3 non-polymer ~{N}-[[1-(4-bromophenyl)sulfonylpiperidin-4-yl]methyl]-2-chloranyl-ethanamide
4 non-polymer 'MAGNESIUM ION'
5 non-polymer 'CHLORIDE ION'
6 water water
#
loop_
_entity_poly.entity_id
_entity_poly.type
_entity_poly.pdbx_seq_one_letter_code
_entity_poly.pdbx_strand_id
1 'polypeptide(L)'
;GAMGSMERASLIQKAKLAEQAERYEDMAAFMKGAVEKGEELSCEERNLLSVAYKNVVGGQRAAWRVLSSIEQKSNEEGSE
EKGPEVREYREKVETELQGVCDTVLGLLDSHLIKEAGDAESRVFYLKMKGDYYRYLAEVATGDDKKRIIDSARSAYQEAM
DISKKEMPPTNPIRLGLALNFSVFHYEIANSPEEAISLAKTTFDEAMADLHTLSEDSYKDSTLIMQLLRDNLTLWT
;
A,J
2 'polypeptide(L)' IRST(SEP)TPNVHM H,S
#
# COMPACT_ATOMS: atom_id res chain seq x y z
N MET A 3 -2.95 16.31 -15.10
CA MET A 3 -4.36 16.01 -14.81
C MET A 3 -5.25 16.91 -15.65
N GLY A 4 -5.00 18.22 -15.58
CA GLY A 4 -5.80 19.22 -16.26
C GLY A 4 -5.92 19.06 -17.77
N SER A 5 -4.99 18.31 -18.39
CA SER A 5 -5.09 18.03 -19.81
C SER A 5 -6.02 16.86 -20.11
N MET A 6 -6.49 16.15 -19.07
CA MET A 6 -7.37 15.02 -19.29
C MET A 6 -8.81 15.52 -19.14
N GLU A 7 -9.71 14.88 -19.86
CA GLU A 7 -11.14 15.20 -19.77
C GLU A 7 -11.65 14.74 -18.43
N ARG A 8 -12.69 15.43 -17.92
CA ARG A 8 -13.28 15.00 -16.67
C ARG A 8 -13.69 13.53 -16.65
N ALA A 9 -14.36 13.07 -17.71
CA ALA A 9 -14.82 11.71 -17.74
C ALA A 9 -13.65 10.70 -17.68
N SER A 10 -12.53 11.06 -18.29
CA SER A 10 -11.36 10.17 -18.25
C SER A 10 -10.74 10.14 -16.84
N LEU A 11 -10.74 11.27 -16.14
CA LEU A 11 -10.23 11.37 -14.76
C LEU A 11 -11.06 10.48 -13.85
N ILE A 12 -12.39 10.50 -14.01
CA ILE A 12 -13.26 9.65 -13.20
C ILE A 12 -13.00 8.17 -13.49
N GLN A 13 -12.91 7.84 -14.80
CA GLN A 13 -12.63 6.49 -15.19
C GLN A 13 -11.29 5.98 -14.61
N LYS A 14 -10.26 6.83 -14.67
CA LYS A 14 -8.93 6.46 -14.18
C LYS A 14 -8.94 6.37 -12.64
N ALA A 15 -9.73 7.19 -11.95
CA ALA A 15 -9.85 6.96 -10.50
C ALA A 15 -10.44 5.58 -10.18
N LYS A 16 -11.48 5.16 -10.93
CA LYS A 16 -12.10 3.86 -10.69
C LYS A 16 -11.12 2.73 -10.96
N LEU A 17 -10.30 2.87 -12.03
CA LEU A 17 -9.28 1.87 -12.34
C LEU A 17 -8.22 1.79 -11.24
N ALA A 18 -7.77 2.95 -10.76
CA ALA A 18 -6.78 3.03 -9.71
C ALA A 18 -7.32 2.35 -8.45
N GLU A 19 -8.61 2.57 -8.17
CA GLU A 19 -9.22 1.90 -7.03
C GLU A 19 -9.16 0.38 -7.21
N GLN A 20 -9.49 -0.12 -8.38
CA GLN A 20 -9.42 -1.56 -8.63
C GLN A 20 -8.01 -2.12 -8.45
N ALA A 21 -7.00 -1.30 -8.79
CA ALA A 21 -5.61 -1.66 -8.67
C ALA A 21 -4.97 -1.39 -7.31
N GLU A 22 -5.80 -0.87 -6.38
CA GLU A 22 -5.35 -0.55 -5.04
C GLU A 22 -4.21 0.47 -5.07
N ARG A 23 -4.35 1.41 -6.01
CA ARG A 23 -3.39 2.47 -6.17
C ARG A 23 -4.02 3.77 -5.68
N TYR A 24 -4.03 3.98 -4.35
CA TYR A 24 -4.86 5.02 -3.79
C TYR A 24 -4.30 6.41 -3.95
N GLU A 25 -2.97 6.56 -3.97
CA GLU A 25 -2.40 7.86 -4.24
C GLU A 25 -2.79 8.32 -5.65
N ASP A 26 -2.66 7.43 -6.63
CA ASP A 26 -3.06 7.81 -7.98
C ASP A 26 -4.56 8.13 -8.04
N MET A 27 -5.37 7.31 -7.38
CA MET A 27 -6.82 7.51 -7.31
C MET A 27 -7.11 8.91 -6.80
N ALA A 28 -6.43 9.33 -5.72
CA ALA A 28 -6.68 10.63 -5.13
C ALA A 28 -6.28 11.76 -6.09
N ALA A 29 -5.19 11.57 -6.83
CA ALA A 29 -4.69 12.60 -7.73
C ALA A 29 -5.70 12.75 -8.88
N PHE A 30 -6.25 11.63 -9.32
CA PHE A 30 -7.27 11.64 -10.38
C PHE A 30 -8.51 12.39 -9.90
N MET A 31 -8.97 12.09 -8.67
CA MET A 31 -10.12 12.77 -8.13
C MET A 31 -9.90 14.26 -7.93
N LYS A 32 -8.70 14.66 -7.50
CA LYS A 32 -8.33 16.05 -7.37
C LYS A 32 -8.42 16.76 -8.73
N GLY A 33 -7.88 16.12 -9.77
CA GLY A 33 -8.06 16.65 -11.11
C GLY A 33 -9.53 16.80 -11.53
N ALA A 34 -10.36 15.80 -11.22
CA ALA A 34 -11.78 15.89 -11.50
C ALA A 34 -12.45 17.03 -10.75
N VAL A 35 -12.12 17.22 -9.46
CA VAL A 35 -12.70 18.32 -8.70
C VAL A 35 -12.32 19.64 -9.36
N GLU A 36 -11.10 19.72 -9.87
CA GLU A 36 -10.57 20.96 -10.41
C GLU A 36 -11.24 21.37 -11.72
N LYS A 37 -12.09 20.50 -12.27
CA LYS A 37 -12.83 20.81 -13.48
C LYS A 37 -13.96 21.79 -13.13
N GLY A 38 -14.34 21.87 -11.85
CA GLY A 38 -15.28 22.89 -11.40
C GLY A 38 -16.73 22.47 -11.36
N GLU A 39 -17.06 21.21 -11.73
CA GLU A 39 -18.42 20.69 -11.61
C GLU A 39 -18.57 20.06 -10.21
N GLU A 40 -19.80 20.06 -9.71
CA GLU A 40 -20.12 19.35 -8.49
C GLU A 40 -19.82 17.87 -8.71
N LEU A 41 -19.58 17.18 -7.59
CA LEU A 41 -19.44 15.74 -7.59
C LEU A 41 -20.80 15.11 -7.30
N SER A 42 -21.09 14.02 -8.00
CA SER A 42 -22.16 13.14 -7.59
C SER A 42 -21.84 12.38 -6.31
N CYS A 43 -22.86 11.72 -5.73
CA CYS A 43 -22.65 10.80 -4.63
C CYS A 43 -21.58 9.73 -4.89
N GLU A 44 -21.62 9.08 -6.06
CA GLU A 44 -20.63 8.08 -6.40
C GLU A 44 -19.23 8.71 -6.43
N GLU A 45 -19.14 9.93 -6.98
CA GLU A 45 -17.87 10.62 -7.08
C GLU A 45 -17.33 11.08 -5.71
N ARG A 46 -18.23 11.53 -4.82
CA ARG A 46 -17.83 11.82 -3.47
C ARG A 46 -17.27 10.58 -2.79
N ASN A 47 -17.86 9.42 -3.04
CA ASN A 47 -17.35 8.18 -2.51
C ASN A 47 -15.91 7.94 -3.01
N LEU A 48 -15.67 8.13 -4.30
CA LEU A 48 -14.33 7.95 -4.82
C LEU A 48 -13.31 8.89 -4.18
N LEU A 49 -13.67 10.17 -4.04
CA LEU A 49 -12.81 11.15 -3.43
C LEU A 49 -12.46 10.77 -1.98
N SER A 50 -13.51 10.44 -1.24
CA SER A 50 -13.39 10.09 0.16
C SER A 50 -12.54 8.84 0.38
N VAL A 51 -12.84 7.75 -0.37
CA VAL A 51 -12.12 6.50 -0.22
C VAL A 51 -10.64 6.69 -0.56
N ALA A 52 -10.39 7.45 -1.64
CA ALA A 52 -9.01 7.65 -2.09
C ALA A 52 -8.15 8.35 -1.02
N TYR A 53 -8.59 9.54 -0.59
CA TYR A 53 -7.82 10.33 0.36
C TYR A 53 -7.79 9.68 1.75
N LYS A 54 -8.84 8.96 2.13
CA LYS A 54 -8.79 8.29 3.42
C LYS A 54 -7.81 7.10 3.44
N ASN A 55 -7.68 6.40 2.31
CA ASN A 55 -6.65 5.39 2.21
C ASN A 55 -5.26 5.97 2.37
N VAL A 56 -4.98 7.09 1.67
CA VAL A 56 -3.68 7.73 1.73
C VAL A 56 -3.36 8.22 3.15
N VAL A 57 -4.26 9.00 3.74
CA VAL A 57 -3.98 9.54 5.07
C VAL A 57 -3.99 8.42 6.12
N GLY A 58 -4.85 7.43 5.91
CA GLY A 58 -4.93 6.31 6.82
C GLY A 58 -3.59 5.59 6.95
N GLY A 59 -2.95 5.34 5.80
CA GLY A 59 -1.60 4.82 5.81
C GLY A 59 -0.57 5.68 6.56
N GLN A 60 -0.60 6.98 6.32
CA GLN A 60 0.28 7.93 6.99
C GLN A 60 0.02 7.96 8.49
N ARG A 61 -1.26 7.95 8.90
CA ARG A 61 -1.63 7.94 10.32
C ARG A 61 -1.10 6.69 11.01
N ALA A 62 -1.30 5.51 10.42
CA ALA A 62 -0.80 4.27 10.99
C ALA A 62 0.73 4.30 11.16
N ALA A 63 1.42 4.83 10.16
CA ALA A 63 2.88 4.94 10.19
C ALA A 63 3.35 5.91 11.27
N TRP A 64 2.69 7.07 11.35
CA TRP A 64 3.01 8.08 12.32
C TRP A 64 2.86 7.50 13.72
N ARG A 65 1.77 6.76 13.94
CA ARG A 65 1.51 6.15 15.24
C ARG A 65 2.59 5.14 15.62
N VAL A 66 3.04 4.34 14.64
CA VAL A 66 4.09 3.38 14.91
C VAL A 66 5.35 4.10 15.34
N LEU A 67 5.72 5.15 14.58
CA LEU A 67 7.00 5.83 14.79
C LEU A 67 6.93 6.61 16.09
N SER A 68 5.80 7.27 16.31
CA SER A 68 5.58 8.00 17.55
C SER A 68 5.71 7.10 18.77
N SER A 69 5.13 5.91 18.73
CA SER A 69 5.27 4.95 19.82
C SER A 69 6.74 4.59 20.06
N ILE A 70 7.48 4.32 18.97
CA ILE A 70 8.88 3.98 19.08
C ILE A 70 9.65 5.15 19.68
N GLU A 71 9.37 6.38 19.23
CA GLU A 71 10.02 7.58 19.70
C GLU A 71 9.84 7.76 21.21
N GLN A 72 8.63 7.50 21.69
CA GLN A 72 8.31 7.58 23.11
C GLN A 72 9.00 6.50 23.96
N LYS A 73 9.11 5.27 23.45
CA LYS A 73 9.88 4.24 24.14
C LYS A 73 11.39 4.50 24.08
N SER A 74 11.86 5.00 22.94
CA SER A 74 13.28 5.00 22.61
C SER A 74 13.85 6.43 22.53
N GLY A 83 19.47 7.51 19.37
CA GLY A 83 19.94 8.61 18.53
C GLY A 83 18.84 9.43 17.88
N PRO A 84 19.17 10.25 16.86
CA PRO A 84 18.21 11.20 16.28
C PRO A 84 17.26 10.61 15.22
N GLU A 85 17.54 9.38 14.79
CA GLU A 85 16.89 8.84 13.60
C GLU A 85 15.36 8.77 13.73
N VAL A 86 14.84 8.28 14.87
CA VAL A 86 13.40 8.04 15.00
C VAL A 86 12.66 9.37 14.92
N ARG A 87 13.18 10.39 15.60
CA ARG A 87 12.56 11.70 15.53
C ARG A 87 12.60 12.27 14.12
N GLU A 88 13.76 12.16 13.46
CA GLU A 88 13.87 12.64 12.10
C GLU A 88 12.85 12.00 11.16
N TYR A 89 12.72 10.68 11.28
CA TYR A 89 11.88 9.93 10.37
C TYR A 89 10.40 10.14 10.72
N ARG A 90 10.07 10.22 12.01
CA ARG A 90 8.71 10.59 12.40
C ARG A 90 8.33 11.96 11.88
N GLU A 91 9.27 12.94 11.91
CA GLU A 91 9.02 14.28 11.39
C GLU A 91 8.77 14.24 9.89
N LYS A 92 9.51 13.39 9.16
CA LYS A 92 9.35 13.28 7.71
C LYS A 92 7.95 12.78 7.37
N VAL A 93 7.53 11.71 8.04
CA VAL A 93 6.21 11.13 7.82
C VAL A 93 5.15 12.16 8.21
N GLU A 94 5.31 12.79 9.38
CA GLU A 94 4.40 13.84 9.83
C GLU A 94 4.21 14.97 8.81
N THR A 95 5.30 15.46 8.21
CA THR A 95 5.21 16.51 7.22
C THR A 95 4.42 16.06 5.99
N GLU A 96 4.59 14.80 5.61
CA GLU A 96 3.89 14.27 4.45
C GLU A 96 2.38 14.17 4.75
N LEU A 97 2.05 13.69 5.94
CA LEU A 97 0.66 13.62 6.38
C LEU A 97 0.02 15.00 6.39
N GLN A 98 0.73 15.99 6.94
CA GLN A 98 0.21 17.34 6.99
C GLN A 98 0.00 17.87 5.58
N GLY A 99 0.91 17.53 4.67
CA GLY A 99 0.72 17.86 3.28
C GLY A 99 -0.57 17.36 2.62
N VAL A 100 -0.88 16.09 2.82
CA VAL A 100 -2.10 15.51 2.28
C VAL A 100 -3.33 16.17 2.90
N CYS A 101 -3.30 16.35 4.21
CA CYS A 101 -4.41 17.03 4.90
C CYS A 101 -4.62 18.43 4.36
N ASP A 102 -3.50 19.15 4.15
CA ASP A 102 -3.60 20.48 3.56
C ASP A 102 -4.16 20.49 2.15
N THR A 103 -3.82 19.48 1.33
CA THR A 103 -4.37 19.36 -0.01
C THR A 103 -5.88 19.18 -0.01
N VAL A 104 -6.35 18.28 0.86
CA VAL A 104 -7.78 18.01 1.03
C VAL A 104 -8.50 19.26 1.49
N LEU A 105 -8.01 19.87 2.57
CA LEU A 105 -8.63 21.08 3.09
C LEU A 105 -8.62 22.19 2.04
N GLY A 106 -7.54 22.28 1.25
CA GLY A 106 -7.48 23.20 0.12
C GLY A 106 -8.58 22.98 -0.91
N LEU A 107 -8.83 21.72 -1.26
CA LEU A 107 -9.84 21.40 -2.23
C LEU A 107 -11.22 21.75 -1.68
N LEU A 108 -11.42 21.50 -0.38
CA LEU A 108 -12.71 21.71 0.22
C LEU A 108 -13.04 23.19 0.20
N ASP A 109 -12.04 23.99 0.56
CA ASP A 109 -12.20 25.43 0.60
C ASP A 109 -12.31 26.06 -0.79
N SER A 110 -11.48 25.61 -1.73
CA SER A 110 -11.39 26.32 -3.00
C SER A 110 -12.48 25.88 -3.98
N HIS A 111 -12.99 24.65 -3.85
CA HIS A 111 -13.95 24.10 -4.79
C HIS A 111 -15.22 23.50 -4.23
N LEU A 112 -15.17 22.80 -3.10
CA LEU A 112 -16.26 21.88 -2.81
C LEU A 112 -17.34 22.40 -1.85
N ILE A 113 -16.90 23.11 -0.82
CA ILE A 113 -17.80 23.69 0.15
C ILE A 113 -18.46 24.92 -0.47
N LYS A 114 -19.78 24.90 -0.58
CA LYS A 114 -20.49 26.08 -1.06
C LYS A 114 -21.74 26.32 -0.21
N GLU A 115 -22.20 27.58 -0.18
CA GLU A 115 -23.46 27.93 0.48
C GLU A 115 -24.63 27.22 -0.19
N ALA A 116 -24.51 26.95 -1.50
CA ALA A 116 -25.57 26.31 -2.26
C ALA A 116 -25.42 24.79 -2.36
N GLY A 117 -26.46 24.16 -2.89
CA GLY A 117 -26.42 22.74 -3.19
C GLY A 117 -27.15 22.03 -2.07
N ASP A 118 -27.40 20.74 -2.26
CA ASP A 118 -28.25 20.06 -1.31
C ASP A 118 -27.53 19.88 0.03
N ALA A 119 -28.33 19.50 1.02
CA ALA A 119 -27.86 19.32 2.38
C ALA A 119 -26.86 18.17 2.49
N GLU A 120 -27.13 17.05 1.82
CA GLU A 120 -26.23 15.91 1.77
C GLU A 120 -24.82 16.35 1.42
N SER A 121 -24.69 17.12 0.36
CA SER A 121 -23.35 17.47 -0.11
C SER A 121 -22.73 18.42 0.90
N ARG A 122 -23.47 19.40 1.38
CA ARG A 122 -22.92 20.39 2.30
C ARG A 122 -22.44 19.71 3.57
N VAL A 123 -23.25 18.80 4.12
CA VAL A 123 -22.88 18.12 5.37
C VAL A 123 -21.67 17.22 5.13
N PHE A 124 -21.68 16.48 4.02
CA PHE A 124 -20.53 15.62 3.69
C PHE A 124 -19.21 16.39 3.68
N TYR A 125 -19.17 17.52 2.98
CA TYR A 125 -17.93 18.24 2.85
C TYR A 125 -17.51 18.91 4.16
N LEU A 126 -18.46 19.39 4.94
CA LEU A 126 -18.13 19.94 6.24
C LEU A 126 -17.65 18.89 7.21
N LYS A 127 -18.26 17.70 7.21
CA LYS A 127 -17.76 16.53 7.92
C LYS A 127 -16.30 16.27 7.50
N MET A 128 -16.04 16.29 6.21
CA MET A 128 -14.71 15.98 5.71
C MET A 128 -13.70 17.00 6.23
N LYS A 129 -14.09 18.29 6.25
CA LYS A 129 -13.29 19.37 6.77
C LYS A 129 -12.96 19.14 8.25
N GLY A 130 -13.98 18.75 9.03
CA GLY A 130 -13.75 18.37 10.42
C GLY A 130 -12.77 17.21 10.56
N ASP A 131 -12.93 16.19 9.71
CA ASP A 131 -12.08 15.00 9.81
C ASP A 131 -10.62 15.36 9.57
N TYR A 132 -10.35 16.11 8.49
CA TYR A 132 -8.96 16.38 8.11
C TYR A 132 -8.28 17.37 9.05
N TYR A 133 -9.04 18.29 9.67
CA TYR A 133 -8.50 19.05 10.77
C TYR A 133 -8.24 18.17 11.99
N ARG A 134 -9.10 17.19 12.25
CA ARG A 134 -8.89 16.25 13.32
C ARG A 134 -7.60 15.47 13.09
N TYR A 135 -7.33 15.05 11.83
CA TYR A 135 -6.10 14.31 11.57
C TYR A 135 -4.88 15.22 11.77
N LEU A 136 -4.98 16.49 11.38
CA LEU A 136 -3.94 17.45 11.71
C LEU A 136 -3.76 17.63 13.23
N ALA A 137 -4.87 17.63 13.98
CA ALA A 137 -4.78 17.77 15.42
C ALA A 137 -4.11 16.59 16.10
N GLU A 138 -4.21 15.38 15.55
CA GLU A 138 -3.57 14.20 16.12
C GLU A 138 -2.05 14.37 16.23
N VAL A 139 -1.47 15.19 15.33
CA VAL A 139 -0.02 15.34 15.28
C VAL A 139 0.48 16.71 15.69
N ALA A 140 -0.44 17.62 16.00
CA ALA A 140 -0.08 18.99 16.32
C ALA A 140 0.32 19.12 17.79
N THR A 141 1.14 20.12 18.12
CA THR A 141 1.48 20.38 19.52
C THR A 141 1.25 21.81 20.03
N GLY A 142 1.22 22.80 19.14
CA GLY A 142 1.52 24.16 19.58
C GLY A 142 0.39 24.91 20.26
N ASP A 143 0.45 26.23 20.10
CA ASP A 143 -0.74 27.07 19.94
C ASP A 143 -1.44 26.61 18.67
N ASP A 144 -0.64 26.10 17.73
CA ASP A 144 -1.19 25.53 16.53
C ASP A 144 -2.27 24.48 16.82
N LYS A 145 -2.06 23.64 17.82
CA LYS A 145 -2.99 22.55 18.10
C LYS A 145 -4.34 23.13 18.48
N LYS A 146 -4.32 24.19 19.29
CA LYS A 146 -5.54 24.81 19.76
C LYS A 146 -6.36 25.31 18.58
N ARG A 147 -5.72 26.07 17.69
CA ARG A 147 -6.36 26.58 16.50
C ARG A 147 -6.93 25.45 15.62
N ILE A 148 -6.14 24.39 15.48
CA ILE A 148 -6.58 23.26 14.67
C ILE A 148 -7.82 22.60 15.25
N ILE A 149 -7.81 22.36 16.56
CA ILE A 149 -8.96 21.80 17.24
C ILE A 149 -10.21 22.67 17.07
N ASP A 150 -10.04 23.99 17.15
CA ASP A 150 -11.16 24.90 17.01
C ASP A 150 -11.71 24.85 15.61
N SER A 151 -10.81 24.71 14.60
CA SER A 151 -11.25 24.54 13.23
C SER A 151 -12.06 23.25 13.02
N ALA A 152 -11.58 22.13 13.58
CA ALA A 152 -12.32 20.87 13.50
C ALA A 152 -13.70 21.01 14.15
N ARG A 153 -13.73 21.58 15.37
CA ARG A 153 -14.98 21.72 16.10
C ARG A 153 -15.96 22.57 15.29
N SER A 154 -15.47 23.68 14.71
CA SER A 154 -16.32 24.60 13.98
C SER A 154 -16.96 23.98 12.73
N ALA A 155 -16.17 23.16 12.03
CA ALA A 155 -16.64 22.46 10.85
C ALA A 155 -17.69 21.41 11.22
N TYR A 156 -17.34 20.57 12.16
CA TYR A 156 -18.27 19.58 12.66
C TYR A 156 -19.57 20.18 13.18
N GLN A 157 -19.47 21.27 13.94
CA GLN A 157 -20.67 21.89 14.49
C GLN A 157 -21.57 22.46 13.40
N GLU A 158 -20.99 23.10 12.39
CA GLU A 158 -21.80 23.59 11.29
C GLU A 158 -22.51 22.43 10.59
N ALA A 159 -21.79 21.33 10.40
CA ALA A 159 -22.35 20.17 9.76
C ALA A 159 -23.50 19.58 10.59
N MET A 160 -23.31 19.54 11.90
CA MET A 160 -24.32 19.01 12.80
C MET A 160 -25.60 19.87 12.71
N ASP A 161 -25.42 21.18 12.67
CA ASP A 161 -26.56 22.10 12.61
C ASP A 161 -27.40 21.91 11.35
N ILE A 162 -26.74 21.77 10.20
CA ILE A 162 -27.41 21.51 8.94
C ILE A 162 -28.12 20.16 8.99
N SER A 163 -27.41 19.14 9.47
CA SER A 163 -27.94 17.79 9.45
C SER A 163 -29.18 17.66 10.35
N LYS A 164 -29.19 18.37 11.47
CA LYS A 164 -30.34 18.32 12.36
C LYS A 164 -31.53 19.04 11.75
N LYS A 165 -31.27 20.09 10.99
CA LYS A 165 -32.36 20.80 10.32
C LYS A 165 -32.88 20.11 9.07
N GLU A 166 -32.02 19.44 8.30
CA GLU A 166 -32.37 19.07 6.95
C GLU A 166 -32.39 17.59 6.65
N MET A 167 -31.91 16.76 7.57
CA MET A 167 -31.85 15.33 7.31
C MET A 167 -32.54 14.55 8.42
N PRO A 168 -33.08 13.37 8.09
CA PRO A 168 -33.65 12.50 9.10
C PRO A 168 -32.58 11.90 10.02
N PRO A 169 -32.96 11.56 11.27
CA PRO A 169 -31.98 11.13 12.26
C PRO A 169 -31.24 9.84 11.93
N THR A 170 -31.78 9.04 10.98
CA THR A 170 -31.16 7.78 10.65
C THR A 170 -30.42 7.86 9.32
N ASN A 171 -30.31 9.07 8.76
CA ASN A 171 -29.58 9.27 7.50
C ASN A 171 -28.12 8.87 7.74
N PRO A 172 -27.49 8.08 6.84
CA PRO A 172 -26.15 7.59 7.10
C PRO A 172 -25.07 8.65 7.11
N ILE A 173 -25.27 9.75 6.39
CA ILE A 173 -24.30 10.85 6.42
C ILE A 173 -24.38 11.53 7.78
N ARG A 174 -25.61 11.81 8.23
CA ARG A 174 -25.81 12.40 9.55
C ARG A 174 -25.18 11.52 10.62
N LEU A 175 -25.33 10.20 10.49
CA LEU A 175 -24.82 9.25 11.47
C LEU A 175 -23.30 9.26 11.48
N GLY A 176 -22.70 9.20 10.29
CA GLY A 176 -21.26 9.14 10.18
C GLY A 176 -20.60 10.41 10.71
N LEU A 177 -21.25 11.56 10.44
CA LEU A 177 -20.85 12.82 11.04
C LEU A 177 -20.90 12.78 12.56
N ALA A 178 -22.02 12.31 13.11
CA ALA A 178 -22.14 12.29 14.54
C ALA A 178 -21.13 11.33 15.20
N LEU A 179 -20.96 10.14 14.60
CA LEU A 179 -19.95 9.20 15.06
C LEU A 179 -18.59 9.90 15.10
N ASN A 180 -18.22 10.56 14.02
CA ASN A 180 -16.89 11.18 13.95
C ASN A 180 -16.74 12.36 14.93
N PHE A 181 -17.82 13.12 15.14
CA PHE A 181 -17.77 14.19 16.10
C PHE A 181 -17.63 13.65 17.51
N SER A 182 -18.31 12.54 17.79
CA SER A 182 -18.13 11.88 19.06
C SER A 182 -16.70 11.39 19.31
N VAL A 183 -16.04 10.85 18.26
CA VAL A 183 -14.64 10.51 18.32
C VAL A 183 -13.75 11.74 18.61
N PHE A 184 -14.01 12.84 17.90
CA PHE A 184 -13.37 14.12 18.17
C PHE A 184 -13.45 14.48 19.66
N HIS A 185 -14.68 14.43 20.22
CA HIS A 185 -14.82 14.76 21.62
C HIS A 185 -13.97 13.86 22.53
N TYR A 186 -14.02 12.54 22.32
CA TYR A 186 -13.36 11.58 23.17
C TYR A 186 -11.85 11.66 23.03
N GLU A 187 -11.35 11.70 21.79
CA GLU A 187 -9.96 11.46 21.48
C GLU A 187 -9.14 12.74 21.35
N ILE A 188 -9.79 13.82 20.95
CA ILE A 188 -9.07 15.07 20.67
C ILE A 188 -9.35 16.11 21.74
N ALA A 189 -10.63 16.30 22.03
CA ALA A 189 -11.06 17.41 22.86
C ALA A 189 -11.14 17.13 24.35
N ASN A 190 -10.71 15.95 24.79
CA ASN A 190 -10.75 15.56 26.19
C ASN A 190 -12.14 15.79 26.78
N SER A 191 -13.19 15.33 26.07
CA SER A 191 -14.57 15.59 26.46
C SER A 191 -15.38 14.30 26.45
N PRO A 192 -15.09 13.35 27.36
CA PRO A 192 -15.72 12.03 27.34
C PRO A 192 -17.21 12.13 27.61
N GLU A 193 -17.60 13.03 28.53
CA GLU A 193 -19.01 13.21 28.81
C GLU A 193 -19.79 13.62 27.56
N GLU A 194 -19.25 14.56 26.80
CA GLU A 194 -19.93 15.00 25.60
C GLU A 194 -19.89 13.89 24.53
N ALA A 195 -18.78 13.15 24.46
CA ALA A 195 -18.67 12.04 23.50
C ALA A 195 -19.79 11.02 23.72
N ILE A 196 -19.93 10.63 24.98
CA ILE A 196 -20.90 9.60 25.35
C ILE A 196 -22.32 10.13 25.18
N SER A 197 -22.57 11.35 25.64
CA SER A 197 -23.89 11.93 25.47
C SER A 197 -24.30 12.09 24.01
N LEU A 198 -23.38 12.60 23.16
CA LEU A 198 -23.69 12.68 21.74
C LEU A 198 -23.93 11.29 21.11
N ALA A 199 -23.08 10.30 21.43
CA ALA A 199 -23.26 9.00 20.82
C ALA A 199 -24.56 8.32 21.25
N LYS A 200 -24.92 8.47 22.53
CA LYS A 200 -26.10 7.84 23.05
C LYS A 200 -27.35 8.48 22.44
N THR A 201 -27.38 9.81 22.40
CA THR A 201 -28.48 10.57 21.81
C THR A 201 -28.65 10.22 20.33
N THR A 202 -27.54 10.20 19.61
CA THR A 202 -27.54 9.84 18.20
C THR A 202 -28.13 8.45 17.97
N PHE A 203 -27.64 7.47 18.74
CA PHE A 203 -28.07 6.09 18.62
C PHE A 203 -29.58 6.03 18.87
N ASP A 204 -30.04 6.58 19.99
CA ASP A 204 -31.45 6.46 20.31
C ASP A 204 -32.37 7.15 19.33
N GLU A 205 -32.00 8.37 18.89
CA GLU A 205 -32.82 9.06 17.93
C GLU A 205 -32.85 8.36 16.58
N ALA A 206 -31.70 7.76 16.20
CA ALA A 206 -31.64 7.02 14.96
C ALA A 206 -32.52 5.77 15.03
N MET A 207 -32.47 5.04 16.14
CA MET A 207 -33.28 3.84 16.25
C MET A 207 -34.78 4.18 16.28
N ALA A 208 -35.14 5.34 16.85
CA ALA A 208 -36.53 5.74 16.96
C ALA A 208 -37.14 6.05 15.58
N ASP A 209 -36.30 6.44 14.62
CA ASP A 209 -36.75 6.70 13.26
C ASP A 209 -36.28 5.70 12.21
N LEU A 210 -35.73 4.56 12.63
CA LEU A 210 -35.16 3.59 11.69
C LEU A 210 -36.23 3.01 10.75
N HIS A 211 -37.46 2.91 11.27
CA HIS A 211 -38.56 2.42 10.45
C HIS A 211 -38.90 3.28 9.23
N THR A 212 -38.46 4.54 9.21
CA THR A 212 -38.68 5.41 8.08
C THR A 212 -37.56 5.40 7.05
N LEU A 213 -36.42 4.78 7.36
CA LEU A 213 -35.24 4.81 6.50
C LEU A 213 -35.41 3.94 5.27
N SER A 214 -35.03 4.48 4.11
CA SER A 214 -35.07 3.73 2.86
C SER A 214 -34.19 2.48 2.93
N GLU A 215 -34.60 1.45 2.20
CA GLU A 215 -33.81 0.24 2.16
C GLU A 215 -32.39 0.46 1.64
N ASP A 216 -32.18 1.46 0.79
CA ASP A 216 -30.87 1.59 0.15
C ASP A 216 -29.83 2.12 1.16
N SER A 217 -30.33 2.66 2.27
CA SER A 217 -29.46 3.15 3.33
C SER A 217 -29.33 2.24 4.53
N TYR A 218 -30.13 1.17 4.59
CA TYR A 218 -30.22 0.36 5.78
C TYR A 218 -28.90 -0.28 6.21
N LYS A 219 -28.16 -0.89 5.29
CA LYS A 219 -26.92 -1.53 5.66
C LYS A 219 -25.93 -0.50 6.23
N ASP A 220 -25.83 0.64 5.57
CA ASP A 220 -24.89 1.68 6.00
C ASP A 220 -25.25 2.28 7.37
N SER A 221 -26.53 2.63 7.56
CA SER A 221 -26.94 3.22 8.82
C SER A 221 -26.80 2.23 9.97
N THR A 222 -27.07 0.95 9.73
CA THR A 222 -26.94 -0.02 10.79
C THR A 222 -25.46 -0.22 11.12
N LEU A 223 -24.59 -0.13 10.13
CA LEU A 223 -23.17 -0.22 10.41
C LEU A 223 -22.75 0.89 11.39
N ILE A 224 -23.13 2.12 11.07
CA ILE A 224 -22.71 3.26 11.89
C ILE A 224 -23.34 3.17 13.29
N MET A 225 -24.60 2.70 13.38
CA MET A 225 -25.18 2.59 14.72
C MET A 225 -24.52 1.51 15.57
N GLN A 226 -24.04 0.43 14.94
CA GLN A 226 -23.23 -0.57 15.62
C GLN A 226 -21.94 0.04 16.16
N LEU A 227 -21.28 0.91 15.38
CA LEU A 227 -20.08 1.55 15.84
C LEU A 227 -20.36 2.51 17.00
N LEU A 228 -21.50 3.18 16.98
CA LEU A 228 -21.87 4.03 18.11
C LEU A 228 -21.98 3.15 19.35
N ARG A 229 -22.70 2.01 19.23
CA ARG A 229 -22.83 1.08 20.33
C ARG A 229 -21.49 0.59 20.86
N ASP A 230 -20.58 0.22 19.95
CA ASP A 230 -19.31 -0.34 20.34
C ASP A 230 -18.47 0.72 21.08
N ASN A 231 -18.38 1.94 20.54
CA ASN A 231 -17.71 3.00 21.26
C ASN A 231 -18.35 3.27 22.62
N LEU A 232 -19.68 3.21 22.70
CA LEU A 232 -20.33 3.44 24.00
C LEU A 232 -19.90 2.38 25.02
N THR A 233 -19.79 1.12 24.57
CA THR A 233 -19.31 0.03 25.41
C THR A 233 -17.87 0.28 25.86
N LEU A 234 -17.02 0.69 24.91
CA LEU A 234 -15.64 1.03 25.20
C LEU A 234 -15.45 2.17 26.20
N TRP A 235 -16.28 3.20 26.07
CA TRP A 235 -16.16 4.41 26.85
C TRP A 235 -16.76 4.35 28.27
N THR A 236 -17.60 3.35 28.52
CA THR A 236 -18.38 3.31 29.76
C THR A 236 -17.98 2.06 30.56
N ILE B 1 -7.16 1.01 23.67
CA ILE B 1 -7.90 0.82 22.39
C ILE B 1 -8.54 2.13 21.93
N ARG B 2 -8.23 2.57 20.71
CA ARG B 2 -8.76 3.83 20.22
C ARG B 2 -10.22 3.69 19.82
N SER B 3 -10.94 4.79 19.88
CA SER B 3 -12.31 4.86 19.42
C SER B 3 -12.37 4.59 17.91
N THR B 4 -13.48 4.00 17.46
CA THR B 4 -13.66 3.73 16.04
C THR B 4 -14.44 4.83 15.38
N THR B 6 -15.94 6.48 11.38
CA THR B 6 -16.67 6.02 10.21
C THR B 6 -15.68 5.28 9.32
N PRO B 7 -16.01 4.04 8.91
CA PRO B 7 -15.09 3.22 8.13
C PRO B 7 -14.99 3.73 6.69
N ASN B 8 -13.85 3.38 6.09
CA ASN B 8 -13.52 3.87 4.75
C ASN B 8 -14.12 2.92 3.75
N VAL B 9 -15.44 2.91 3.65
CA VAL B 9 -16.12 2.06 2.70
C VAL B 9 -17.03 2.93 1.86
N HIS B 10 -17.34 2.48 0.65
CA HIS B 10 -18.34 3.15 -0.18
C HIS B 10 -19.70 3.14 0.50
N MET B 11 -20.34 4.30 0.60
CA MET B 11 -21.66 4.35 1.23
C MET B 11 -22.70 4.23 0.14
N ALA C 2 19.44 13.65 0.21
CA ALA C 2 20.88 13.61 -0.01
C ALA C 2 21.53 12.59 0.94
N MET C 3 21.43 11.31 0.54
CA MET C 3 21.86 10.22 1.39
C MET C 3 23.37 9.97 1.35
N GLY C 4 24.07 10.57 0.38
CA GLY C 4 25.49 10.34 0.21
C GLY C 4 26.29 10.70 1.47
N SER C 5 25.83 11.73 2.18
CA SER C 5 26.51 12.24 3.35
C SER C 5 25.96 11.66 4.66
N MET C 6 24.90 10.86 4.60
CA MET C 6 24.33 10.28 5.80
C MET C 6 25.17 9.10 6.31
N GLU C 7 25.21 8.96 7.63
CA GLU C 7 25.81 7.80 8.25
C GLU C 7 25.15 6.52 7.74
N ARG C 8 25.98 5.55 7.35
CA ARG C 8 25.45 4.25 6.93
C ARG C 8 24.56 3.64 8.00
N ALA C 9 24.99 3.69 9.28
CA ALA C 9 24.21 3.10 10.34
C ALA C 9 22.85 3.77 10.48
N SER C 10 22.79 5.06 10.22
CA SER C 10 21.53 5.79 10.28
C SER C 10 20.56 5.35 9.20
N LEU C 11 21.10 5.14 7.99
CA LEU C 11 20.30 4.66 6.87
C LEU C 11 19.72 3.30 7.21
N ILE C 12 20.52 2.41 7.81
CA ILE C 12 20.05 1.07 8.14
C ILE C 12 18.97 1.17 9.21
N GLN C 13 19.22 2.00 10.21
CA GLN C 13 18.22 2.14 11.27
C GLN C 13 16.88 2.64 10.71
N LYS C 14 16.96 3.63 9.79
CA LYS C 14 15.77 4.23 9.19
C LYS C 14 15.07 3.23 8.29
N ALA C 15 15.83 2.36 7.62
CA ALA C 15 15.20 1.29 6.86
C ALA C 15 14.39 0.36 7.75
N LYS C 16 14.92 0.06 8.93
CA LYS C 16 14.17 -0.75 9.87
C LYS C 16 12.94 -0.05 10.46
N LEU C 17 13.03 1.25 10.76
CA LEU C 17 11.87 2.04 11.18
C LEU C 17 10.79 2.04 10.08
N ALA C 18 11.23 2.24 8.83
CA ALA C 18 10.29 2.28 7.72
C ALA C 18 9.59 0.94 7.59
N GLU C 19 10.33 -0.14 7.80
CA GLU C 19 9.73 -1.46 7.74
C GLU C 19 8.65 -1.62 8.80
N GLN C 20 8.96 -1.23 10.04
CA GLN C 20 7.94 -1.30 11.08
C GLN C 20 6.70 -0.47 10.78
N ALA C 21 6.88 0.67 10.10
CA ALA C 21 5.77 1.53 9.74
C ALA C 21 5.07 1.16 8.43
N GLU C 22 5.53 0.09 7.79
CA GLU C 22 5.01 -0.45 6.53
C GLU C 22 5.13 0.60 5.45
N ARG C 23 6.23 1.36 5.52
CA ARG C 23 6.55 2.34 4.50
C ARG C 23 7.61 1.81 3.55
N TYR C 24 7.22 0.98 2.58
CA TYR C 24 8.22 0.20 1.85
C TYR C 24 9.01 0.99 0.81
N GLU C 25 8.41 2.03 0.20
CA GLU C 25 9.16 2.90 -0.68
C GLU C 25 10.32 3.60 0.02
N ASP C 26 10.01 4.13 1.22
CA ASP C 26 11.03 4.75 2.04
C ASP C 26 12.12 3.75 2.41
N MET C 27 11.70 2.57 2.87
CA MET C 27 12.62 1.52 3.25
C MET C 27 13.60 1.20 2.13
N ALA C 28 13.06 1.03 0.90
CA ALA C 28 13.92 0.79 -0.25
C ALA C 28 14.90 1.92 -0.52
N ALA C 29 14.44 3.17 -0.40
CA ALA C 29 15.30 4.30 -0.65
C ALA C 29 16.44 4.35 0.38
N PHE C 30 16.11 4.06 1.65
CA PHE C 30 17.15 4.00 2.67
C PHE C 30 18.19 2.91 2.40
N MET C 31 17.73 1.74 1.96
CA MET C 31 18.66 0.65 1.66
C MET C 31 19.48 0.94 0.40
N LYS C 32 18.92 1.63 -0.60
CA LYS C 32 19.69 2.09 -1.74
C LYS C 32 20.82 2.99 -1.27
N GLY C 33 20.48 3.92 -0.39
CA GLY C 33 21.49 4.82 0.14
C GLY C 33 22.58 4.04 0.88
N ALA C 34 22.18 3.02 1.65
CA ALA C 34 23.17 2.21 2.35
C ALA C 34 24.05 1.44 1.40
N VAL C 35 23.44 0.84 0.36
CA VAL C 35 24.24 0.16 -0.67
C VAL C 35 25.29 1.10 -1.26
N GLU C 36 24.88 2.32 -1.56
CA GLU C 36 25.74 3.30 -2.22
C GLU C 36 26.90 3.79 -1.36
N LYS C 37 26.91 3.46 -0.06
CA LYS C 37 28.05 3.75 0.79
C LYS C 37 29.26 2.92 0.37
N GLY C 38 29.03 1.83 -0.38
CA GLY C 38 30.07 1.04 -1.02
C GLY C 38 30.68 -0.13 -0.23
N GLU C 39 30.14 -0.38 0.97
CA GLU C 39 30.53 -1.52 1.77
C GLU C 39 29.65 -2.72 1.45
N GLU C 40 30.18 -3.94 1.69
CA GLU C 40 29.36 -5.13 1.57
C GLU C 40 28.19 -5.12 2.54
N LEU C 41 27.15 -5.91 2.24
CA LEU C 41 25.98 -5.99 3.09
C LEU C 41 26.14 -7.20 3.99
N SER C 42 25.53 -7.14 5.17
CA SER C 42 25.32 -8.29 6.04
C SER C 42 24.11 -9.10 5.59
N CYS C 43 23.86 -10.22 6.27
CA CYS C 43 22.67 -11.04 6.04
C CYS C 43 21.40 -10.26 6.31
N GLU C 44 21.36 -9.58 7.45
CA GLU C 44 20.21 -8.77 7.76
C GLU C 44 19.95 -7.72 6.69
N GLU C 45 21.04 -7.07 6.24
CA GLU C 45 20.89 -6.03 5.24
C GLU C 45 20.38 -6.56 3.90
N ARG C 46 20.83 -7.76 3.48
CA ARG C 46 20.29 -8.35 2.25
C ARG C 46 18.80 -8.63 2.40
N ASN C 47 18.37 -9.05 3.60
CA ASN C 47 16.97 -9.22 3.88
C ASN C 47 16.21 -7.90 3.79
N LEU C 48 16.73 -6.83 4.42
CA LEU C 48 16.08 -5.54 4.35
C LEU C 48 15.97 -5.05 2.90
N LEU C 49 17.06 -5.19 2.13
CA LEU C 49 17.07 -4.73 0.74
C LEU C 49 15.98 -5.47 -0.05
N SER C 50 16.00 -6.79 0.10
CA SER C 50 15.08 -7.66 -0.65
C SER C 50 13.63 -7.41 -0.28
N VAL C 51 13.32 -7.38 1.03
CA VAL C 51 11.97 -7.17 1.49
C VAL C 51 11.43 -5.83 1.02
N ALA C 52 12.27 -4.78 1.07
CA ALA C 52 11.84 -3.46 0.70
C ALA C 52 11.46 -3.40 -0.78
N TYR C 53 12.41 -3.77 -1.64
CA TYR C 53 12.16 -3.68 -3.08
C TYR C 53 11.08 -4.66 -3.57
N LYS C 54 10.97 -5.85 -2.98
CA LYS C 54 9.96 -6.80 -3.38
C LYS C 54 8.58 -6.37 -2.92
N ASN C 55 8.46 -5.70 -1.76
CA ASN C 55 7.18 -5.06 -1.45
C ASN C 55 6.76 -4.00 -2.48
N VAL C 56 7.69 -3.12 -2.88
CA VAL C 56 7.43 -2.10 -3.87
C VAL C 56 7.05 -2.72 -5.22
N VAL C 57 7.93 -3.58 -5.77
CA VAL C 57 7.65 -4.15 -7.09
C VAL C 57 6.46 -5.09 -7.02
N GLY C 58 6.29 -5.78 -5.89
CA GLY C 58 5.16 -6.67 -5.68
C GLY C 58 3.80 -5.96 -5.81
N GLY C 59 3.70 -4.76 -5.26
CA GLY C 59 2.48 -3.96 -5.34
C GLY C 59 2.23 -3.51 -6.80
N GLN C 60 3.29 -3.06 -7.44
CA GLN C 60 3.24 -2.62 -8.82
C GLN C 60 2.82 -3.77 -9.73
N ARG C 61 3.42 -4.95 -9.53
CA ARG C 61 3.08 -6.17 -10.30
C ARG C 61 1.61 -6.54 -10.14
N ALA C 62 1.12 -6.51 -8.90
CA ALA C 62 -0.27 -6.80 -8.64
C ALA C 62 -1.18 -5.84 -9.37
N ALA C 63 -0.83 -4.54 -9.37
CA ALA C 63 -1.64 -3.50 -9.96
C ALA C 63 -1.61 -3.67 -11.49
N TRP C 64 -0.41 -3.90 -12.03
CA TRP C 64 -0.26 -4.13 -13.45
C TRP C 64 -1.13 -5.30 -13.92
N ARG C 65 -1.13 -6.38 -13.13
CA ARG C 65 -1.92 -7.54 -13.49
C ARG C 65 -3.42 -7.23 -13.52
N VAL C 66 -3.92 -6.50 -12.53
CA VAL C 66 -5.33 -6.10 -12.54
C VAL C 66 -5.63 -5.29 -13.79
N LEU C 67 -4.77 -4.31 -14.10
CA LEU C 67 -5.01 -3.39 -15.20
C LEU C 67 -4.94 -4.10 -16.55
N SER C 68 -3.96 -5.01 -16.71
CA SER C 68 -3.79 -5.75 -17.95
C SER C 68 -5.05 -6.57 -18.22
N SER C 69 -5.58 -7.19 -17.17
CA SER C 69 -6.77 -8.01 -17.31
C SER C 69 -7.97 -7.14 -17.73
N ILE C 70 -8.22 -6.01 -17.05
CA ILE C 70 -9.26 -5.07 -17.46
C ILE C 70 -9.08 -4.62 -18.92
N GLU C 71 -7.82 -4.31 -19.29
CA GLU C 71 -7.49 -3.86 -20.64
C GLU C 71 -7.90 -4.91 -21.66
N GLN C 72 -7.47 -6.15 -21.41
CA GLN C 72 -7.71 -7.24 -22.35
C GLN C 72 -9.21 -7.56 -22.45
N LYS C 73 -9.90 -7.56 -21.31
CA LYS C 73 -11.33 -7.83 -21.30
C LYS C 73 -12.07 -6.76 -22.10
N SER C 74 -11.67 -5.51 -21.88
CA SER C 74 -12.19 -4.38 -22.60
C SER C 74 -11.99 -4.55 -24.11
N ASN C 75 -10.77 -4.81 -24.51
CA ASN C 75 -10.47 -4.94 -25.93
C ASN C 75 -11.21 -6.09 -26.62
N GLU C 76 -11.43 -7.22 -25.91
CA GLU C 76 -12.08 -8.41 -26.46
C GLU C 76 -13.54 -8.13 -26.74
N GLU C 77 -14.16 -7.40 -25.82
CA GLU C 77 -15.53 -6.99 -25.99
C GLU C 77 -15.60 -6.13 -27.25
N GLY C 78 -14.58 -5.29 -27.46
CA GLY C 78 -14.42 -4.58 -28.73
C GLY C 78 -15.42 -3.44 -28.96
N SER C 79 -15.98 -2.89 -27.86
CA SER C 79 -16.87 -1.74 -27.88
C SER C 79 -16.14 -0.47 -28.29
N GLU C 80 -16.67 0.22 -29.32
CA GLU C 80 -15.87 1.19 -30.05
C GLU C 80 -15.53 2.45 -29.25
N GLU C 81 -16.00 2.51 -27.98
CA GLU C 81 -15.76 3.62 -27.07
C GLU C 81 -14.98 3.37 -25.78
N LYS C 82 -14.59 2.12 -25.49
CA LYS C 82 -13.91 1.83 -24.24
C LYS C 82 -12.47 1.50 -24.59
N GLY C 83 -11.56 1.65 -23.61
CA GLY C 83 -10.21 1.10 -23.75
C GLY C 83 -9.00 2.02 -23.59
N PRO C 84 -9.06 3.27 -24.12
CA PRO C 84 -7.93 4.20 -24.08
C PRO C 84 -7.44 4.55 -22.68
N GLU C 85 -8.37 4.75 -21.75
CA GLU C 85 -7.99 5.12 -20.40
C GLU C 85 -7.22 3.99 -19.72
N VAL C 86 -7.74 2.77 -19.79
CA VAL C 86 -7.09 1.69 -19.09
C VAL C 86 -5.72 1.38 -19.71
N ARG C 87 -5.60 1.47 -21.04
CA ARG C 87 -4.32 1.30 -21.64
C ARG C 87 -3.31 2.31 -21.09
N GLU C 88 -3.71 3.57 -21.05
CA GLU C 88 -2.82 4.65 -20.65
C GLU C 88 -2.39 4.46 -19.19
N TYR C 89 -3.35 4.06 -18.36
CA TYR C 89 -3.04 3.87 -16.95
C TYR C 89 -2.18 2.62 -16.71
N ARG C 90 -2.49 1.50 -17.39
CA ARG C 90 -1.61 0.35 -17.38
C ARG C 90 -0.20 0.75 -17.80
N GLU C 91 -0.07 1.59 -18.83
CA GLU C 91 1.26 2.03 -19.27
C GLU C 91 1.97 2.84 -18.18
N LYS C 92 1.20 3.64 -17.45
CA LYS C 92 1.75 4.47 -16.39
C LYS C 92 2.37 3.56 -15.32
N VAL C 93 1.59 2.60 -14.82
CA VAL C 93 2.07 1.68 -13.79
C VAL C 93 3.25 0.87 -14.29
N GLU C 94 3.15 0.42 -15.56
CA GLU C 94 4.19 -0.35 -16.20
C GLU C 94 5.50 0.46 -16.15
N THR C 95 5.44 1.76 -16.46
CA THR C 95 6.61 2.60 -16.51
C THR C 95 7.28 2.72 -15.14
N GLU C 96 6.43 2.84 -14.11
CA GLU C 96 6.93 2.91 -12.75
C GLU C 96 7.60 1.61 -12.28
N LEU C 97 6.99 0.47 -12.59
CA LEU C 97 7.54 -0.84 -12.31
C LEU C 97 8.90 -1.01 -12.98
N GLN C 98 8.99 -0.63 -14.25
CA GLN C 98 10.22 -0.77 -14.99
C GLN C 98 11.30 0.06 -14.33
N GLY C 99 10.92 1.24 -13.85
CA GLY C 99 11.87 2.14 -13.25
C GLY C 99 12.45 1.57 -11.94
N VAL C 100 11.59 0.91 -11.15
CA VAL C 100 12.06 0.28 -9.91
C VAL C 100 12.97 -0.91 -10.23
N CYS C 101 12.56 -1.71 -11.19
CA CYS C 101 13.40 -2.84 -11.59
C CYS C 101 14.76 -2.35 -12.07
N ASP C 102 14.77 -1.31 -12.90
CA ASP C 102 16.05 -0.79 -13.37
C ASP C 102 16.93 -0.27 -12.23
N THR C 103 16.33 0.31 -11.20
CA THR C 103 17.07 0.79 -10.05
C THR C 103 17.76 -0.39 -9.36
N VAL C 104 17.02 -1.48 -9.16
CA VAL C 104 17.54 -2.64 -8.47
C VAL C 104 18.67 -3.28 -9.28
N LEU C 105 18.42 -3.45 -10.58
CA LEU C 105 19.44 -3.97 -11.46
C LEU C 105 20.68 -3.11 -11.47
N GLY C 106 20.49 -1.77 -11.43
CA GLY C 106 21.59 -0.82 -11.34
C GLY C 106 22.44 -1.00 -10.10
N LEU C 107 21.78 -1.20 -8.94
CA LEU C 107 22.51 -1.42 -7.70
C LEU C 107 23.32 -2.72 -7.76
N LEU C 108 22.67 -3.77 -8.30
CA LEU C 108 23.30 -5.07 -8.39
C LEU C 108 24.56 -4.95 -9.27
N ASP C 109 24.44 -4.23 -10.38
CA ASP C 109 25.56 -4.10 -11.32
C ASP C 109 26.65 -3.13 -10.86
N SER C 110 26.25 -2.03 -10.24
CA SER C 110 27.22 -1.00 -9.91
C SER C 110 27.91 -1.30 -8.58
N HIS C 111 27.26 -2.03 -7.67
CA HIS C 111 27.80 -2.18 -6.32
C HIS C 111 27.87 -3.61 -5.83
N LEU C 112 26.81 -4.42 -6.01
CA LEU C 112 26.66 -5.59 -5.18
C LEU C 112 27.29 -6.86 -5.73
N ILE C 113 27.15 -7.12 -7.03
CA ILE C 113 27.57 -8.42 -7.53
C ILE C 113 29.09 -8.50 -7.56
N LYS C 114 29.72 -7.50 -8.14
CA LYS C 114 31.17 -7.56 -8.23
C LYS C 114 31.86 -7.58 -6.86
N GLU C 115 31.31 -6.85 -5.87
CA GLU C 115 31.94 -6.63 -4.57
C GLU C 115 31.68 -7.73 -3.52
N ALA C 116 30.83 -8.73 -3.85
CA ALA C 116 30.56 -9.84 -2.95
C ALA C 116 31.79 -10.73 -2.70
N GLY C 117 32.08 -10.99 -1.41
CA GLY C 117 33.28 -11.71 -1.05
C GLY C 117 33.14 -13.20 -0.76
N ASP C 118 31.91 -13.74 -0.88
CA ASP C 118 31.67 -15.13 -0.62
C ASP C 118 30.61 -15.65 -1.58
N ALA C 119 30.61 -16.97 -1.76
CA ALA C 119 29.78 -17.60 -2.76
C ALA C 119 28.31 -17.41 -2.47
N GLU C 120 27.96 -17.56 -1.19
CA GLU C 120 26.59 -17.40 -0.77
C GLU C 120 25.98 -16.05 -1.17
N SER C 121 26.69 -14.96 -0.92
CA SER C 121 26.11 -13.66 -1.22
C SER C 121 26.16 -13.41 -2.73
N ARG C 122 27.20 -13.87 -3.43
CA ARG C 122 27.21 -13.77 -4.88
C ARG C 122 25.98 -14.44 -5.50
N VAL C 123 25.64 -15.63 -5.02
CA VAL C 123 24.51 -16.36 -5.56
C VAL C 123 23.21 -15.60 -5.24
N PHE C 124 23.06 -15.11 -4.01
CA PHE C 124 21.89 -14.28 -3.68
C PHE C 124 21.74 -13.11 -4.66
N TYR C 125 22.82 -12.38 -4.94
CA TYR C 125 22.72 -11.24 -5.85
C TYR C 125 22.43 -11.63 -7.31
N LEU C 126 23.01 -12.73 -7.77
CA LEU C 126 22.69 -13.18 -9.11
C LEU C 126 21.25 -13.66 -9.24
N LYS C 127 20.77 -14.35 -8.22
CA LYS C 127 19.37 -14.71 -8.12
C LYS C 127 18.54 -13.43 -8.24
N MET C 128 18.91 -12.41 -7.46
CA MET C 128 18.13 -11.17 -7.48
C MET C 128 18.07 -10.56 -8.88
N LYS C 129 19.22 -10.56 -9.54
CA LYS C 129 19.29 -10.05 -10.91
C LYS C 129 18.34 -10.83 -11.83
N GLY C 130 18.32 -12.14 -11.71
CA GLY C 130 17.41 -13.00 -12.47
C GLY C 130 15.96 -12.64 -12.19
N ASP C 131 15.62 -12.49 -10.89
CA ASP C 131 14.28 -12.14 -10.48
C ASP C 131 13.82 -10.79 -11.08
N TYR C 132 14.66 -9.75 -11.06
CA TYR C 132 14.22 -8.42 -11.48
C TYR C 132 14.17 -8.36 -13.01
N TYR C 133 15.06 -9.10 -13.71
CA TYR C 133 14.83 -9.30 -15.13
C TYR C 133 13.56 -10.09 -15.42
N ARG C 134 13.21 -11.09 -14.58
CA ARG C 134 11.95 -11.80 -14.80
C ARG C 134 10.74 -10.88 -14.64
N TYR C 135 10.80 -9.98 -13.66
CA TYR C 135 9.72 -9.03 -13.44
C TYR C 135 9.65 -8.09 -14.63
N LEU C 136 10.78 -7.68 -15.21
CA LEU C 136 10.75 -6.90 -16.44
C LEU C 136 10.15 -7.70 -17.60
N ALA C 137 10.45 -9.00 -17.66
CA ALA C 137 10.00 -9.83 -18.77
C ALA C 137 8.48 -9.93 -18.78
N GLU C 138 7.88 -9.96 -17.60
CA GLU C 138 6.44 -10.10 -17.52
C GLU C 138 5.70 -8.97 -18.24
N VAL C 139 6.29 -7.77 -18.30
CA VAL C 139 5.61 -6.65 -18.92
C VAL C 139 6.19 -6.28 -20.28
N ALA C 140 7.30 -6.92 -20.65
CA ALA C 140 7.95 -6.64 -21.91
C ALA C 140 7.19 -7.26 -23.07
N THR C 141 7.32 -6.69 -24.27
CA THR C 141 6.71 -7.32 -25.43
C THR C 141 7.64 -7.73 -26.56
N GLY C 142 8.74 -7.01 -26.72
CA GLY C 142 9.27 -7.08 -28.07
C GLY C 142 10.14 -8.28 -28.47
N ASP C 143 10.99 -7.98 -29.42
CA ASP C 143 12.38 -8.36 -29.33
C ASP C 143 12.91 -7.97 -27.94
N ASP C 144 12.44 -6.83 -27.38
CA ASP C 144 12.85 -6.46 -26.03
C ASP C 144 12.59 -7.62 -25.07
N LYS C 145 11.40 -8.25 -25.18
CA LYS C 145 11.04 -9.34 -24.29
C LYS C 145 12.05 -10.46 -24.45
N LYS C 146 12.47 -10.73 -25.70
CA LYS C 146 13.44 -11.80 -25.93
C LYS C 146 14.79 -11.52 -25.28
N ARG C 147 15.30 -10.27 -25.39
CA ARG C 147 16.58 -9.93 -24.77
C ARG C 147 16.53 -10.02 -23.24
N ILE C 148 15.41 -9.57 -22.65
CA ILE C 148 15.24 -9.59 -21.21
C ILE C 148 15.16 -11.02 -20.68
N ILE C 149 14.43 -11.89 -21.39
CA ILE C 149 14.32 -13.28 -21.00
C ILE C 149 15.72 -13.89 -20.97
N ASP C 150 16.51 -13.57 -21.99
CA ASP C 150 17.87 -14.10 -22.07
C ASP C 150 18.71 -13.59 -20.89
N SER C 151 18.57 -12.30 -20.55
CA SER C 151 19.32 -11.75 -19.44
C SER C 151 18.94 -12.44 -18.14
N ALA C 152 17.65 -12.69 -17.95
CA ALA C 152 17.21 -13.42 -16.77
C ALA C 152 17.80 -14.82 -16.71
N ARG C 153 17.72 -15.53 -17.84
CA ARG C 153 18.26 -16.88 -17.88
C ARG C 153 19.76 -16.92 -17.57
N SER C 154 20.53 -15.98 -18.11
CA SER C 154 21.96 -15.98 -17.90
C SER C 154 22.30 -15.73 -16.43
N ALA C 155 21.58 -14.79 -15.81
CA ALA C 155 21.77 -14.54 -14.40
C ALA C 155 21.46 -15.76 -13.54
N TYR C 156 20.30 -16.40 -13.77
CA TYR C 156 19.93 -17.60 -13.03
C TYR C 156 20.90 -18.75 -13.29
N GLN C 157 21.34 -18.93 -14.52
CA GLN C 157 22.24 -20.03 -14.82
C GLN C 157 23.58 -19.87 -14.09
N GLU C 158 24.11 -18.64 -14.09
CA GLU C 158 25.37 -18.38 -13.40
C GLU C 158 25.20 -18.61 -11.91
N ALA C 159 24.05 -18.20 -11.31
CA ALA C 159 23.81 -18.49 -9.91
C ALA C 159 23.75 -19.99 -9.63
N MET C 160 23.00 -20.73 -10.46
CA MET C 160 22.87 -22.15 -10.31
C MET C 160 24.25 -22.81 -10.40
N ASP C 161 25.08 -22.35 -11.33
CA ASP C 161 26.41 -22.95 -11.53
C ASP C 161 27.27 -22.82 -10.29
N ILE C 162 27.24 -21.64 -9.69
CA ILE C 162 27.94 -21.41 -8.44
C ILE C 162 27.34 -22.23 -7.30
N SER C 163 26.02 -22.21 -7.14
CA SER C 163 25.44 -22.80 -5.96
C SER C 163 25.66 -24.32 -5.92
N LYS C 164 25.70 -24.97 -7.09
CA LYS C 164 25.96 -26.40 -7.18
C LYS C 164 27.37 -26.75 -6.74
N LYS C 165 28.35 -25.87 -7.01
CA LYS C 165 29.74 -26.09 -6.66
C LYS C 165 30.03 -25.69 -5.22
N GLU C 166 29.28 -24.72 -4.70
CA GLU C 166 29.70 -24.04 -3.49
C GLU C 166 28.79 -24.15 -2.27
N MET C 167 27.57 -24.69 -2.43
CA MET C 167 26.59 -24.62 -1.38
C MET C 167 25.85 -25.93 -1.23
N PRO C 168 25.39 -26.29 -0.02
CA PRO C 168 24.61 -27.50 0.16
C PRO C 168 23.25 -27.38 -0.49
N PRO C 169 22.61 -28.51 -0.85
CA PRO C 169 21.33 -28.48 -1.54
C PRO C 169 20.17 -28.03 -0.66
N THR C 170 20.38 -27.99 0.66
CA THR C 170 19.35 -27.51 1.58
C THR C 170 19.44 -26.03 1.91
N ASN C 171 20.48 -25.35 1.43
CA ASN C 171 20.69 -23.95 1.74
C ASN C 171 19.52 -23.13 1.20
N PRO C 172 18.85 -22.31 2.03
CA PRO C 172 17.67 -21.55 1.57
C PRO C 172 17.92 -20.67 0.36
N ILE C 173 19.12 -20.11 0.21
CA ILE C 173 19.41 -19.28 -0.94
C ILE C 173 19.38 -20.16 -2.19
N ARG C 174 20.04 -21.34 -2.11
CA ARG C 174 20.10 -22.26 -3.24
C ARG C 174 18.68 -22.72 -3.59
N LEU C 175 17.92 -23.05 -2.54
CA LEU C 175 16.54 -23.50 -2.74
C LEU C 175 15.66 -22.42 -3.37
N GLY C 176 15.73 -21.21 -2.81
CA GLY C 176 14.93 -20.12 -3.34
C GLY C 176 15.32 -19.81 -4.79
N LEU C 177 16.63 -19.87 -5.10
CA LEU C 177 17.07 -19.70 -6.47
C LEU C 177 16.43 -20.74 -7.41
N ALA C 178 16.52 -22.00 -7.02
CA ALA C 178 15.96 -23.08 -7.82
C ALA C 178 14.44 -22.97 -8.00
N LEU C 179 13.73 -22.69 -6.90
CA LEU C 179 12.31 -22.38 -6.97
C LEU C 179 12.08 -21.31 -8.06
N ASN C 180 12.74 -20.16 -7.93
CA ASN C 180 12.49 -19.06 -8.85
C ASN C 180 12.86 -19.34 -10.31
N PHE C 181 13.98 -20.03 -10.53
CA PHE C 181 14.39 -20.41 -11.86
C PHE C 181 13.38 -21.37 -12.47
N SER C 182 12.81 -22.26 -11.64
CA SER C 182 11.75 -23.14 -12.12
C SER C 182 10.50 -22.34 -12.56
N VAL C 183 10.12 -21.32 -11.79
CA VAL C 183 9.00 -20.45 -12.15
C VAL C 183 9.30 -19.70 -13.45
N PHE C 184 10.54 -19.23 -13.61
CA PHE C 184 10.98 -18.65 -14.87
C PHE C 184 10.74 -19.60 -16.05
N HIS C 185 11.21 -20.84 -15.93
CA HIS C 185 11.00 -21.82 -16.97
C HIS C 185 9.52 -21.99 -17.33
N TYR C 186 8.67 -22.07 -16.30
CA TYR C 186 7.28 -22.38 -16.53
C TYR C 186 6.49 -21.17 -17.00
N GLU C 187 6.63 -20.07 -16.28
CA GLU C 187 5.81 -18.89 -16.53
C GLU C 187 6.33 -17.97 -17.63
N ILE C 188 7.63 -17.93 -17.83
CA ILE C 188 8.23 -16.97 -18.74
C ILE C 188 8.77 -17.58 -20.03
N ALA C 189 9.54 -18.67 -19.92
CA ALA C 189 10.35 -19.13 -21.03
C ALA C 189 9.64 -20.27 -21.77
N ASN C 190 8.39 -20.51 -21.37
CA ASN C 190 7.56 -21.59 -21.88
C ASN C 190 8.36 -22.91 -22.04
N SER C 191 8.89 -23.39 -20.91
CA SER C 191 9.60 -24.66 -20.87
C SER C 191 9.15 -25.47 -19.67
N PRO C 192 7.89 -25.97 -19.70
CA PRO C 192 7.34 -26.69 -18.56
C PRO C 192 8.13 -27.92 -18.15
N GLU C 193 8.83 -28.53 -19.11
CA GLU C 193 9.59 -29.74 -18.83
C GLU C 193 10.84 -29.41 -17.99
N GLU C 194 11.63 -28.42 -18.43
CA GLU C 194 12.74 -27.92 -17.61
C GLU C 194 12.27 -27.45 -16.23
N ALA C 195 11.12 -26.77 -16.17
CA ALA C 195 10.57 -26.36 -14.89
C ALA C 195 10.43 -27.58 -13.97
N ILE C 196 9.68 -28.58 -14.43
CA ILE C 196 9.35 -29.73 -13.61
C ILE C 196 10.61 -30.50 -13.18
N SER C 197 11.47 -30.76 -14.16
CA SER C 197 12.73 -31.41 -13.95
C SER C 197 13.59 -30.71 -12.90
N LEU C 198 13.69 -29.38 -13.00
CA LEU C 198 14.53 -28.63 -12.08
C LEU C 198 13.87 -28.68 -10.71
N ALA C 199 12.55 -28.53 -10.63
CA ALA C 199 11.91 -28.58 -9.34
C ALA C 199 12.07 -29.95 -8.68
N LYS C 200 11.91 -31.02 -9.50
CA LYS C 200 12.01 -32.36 -8.94
C LYS C 200 13.42 -32.63 -8.37
N THR C 201 14.44 -32.34 -9.17
CA THR C 201 15.81 -32.56 -8.76
C THR C 201 16.09 -31.79 -7.48
N THR C 202 15.67 -30.51 -7.47
CA THR C 202 15.91 -29.64 -6.35
C THR C 202 15.30 -30.26 -5.10
N PHE C 203 14.03 -30.70 -5.18
CA PHE C 203 13.31 -31.14 -3.99
C PHE C 203 13.94 -32.41 -3.42
N ASP C 204 14.37 -33.30 -4.31
CA ASP C 204 14.88 -34.61 -3.93
C ASP C 204 16.26 -34.55 -3.30
N GLU C 205 17.17 -33.77 -3.93
CA GLU C 205 18.52 -33.56 -3.41
C GLU C 205 18.45 -32.92 -2.03
N ALA C 206 17.54 -31.95 -1.86
CA ALA C 206 17.30 -31.35 -0.56
C ALA C 206 16.85 -32.36 0.48
N MET C 207 15.84 -33.15 0.10
CA MET C 207 15.17 -34.10 1.00
C MET C 207 16.19 -35.05 1.64
N ALA C 208 17.09 -35.57 0.78
CA ALA C 208 18.17 -36.46 1.17
C ALA C 208 19.05 -35.93 2.31
N ASP C 209 19.27 -34.60 2.36
CA ASP C 209 20.14 -34.05 3.38
C ASP C 209 19.41 -33.44 4.58
N LEU C 210 18.08 -33.50 4.60
CA LEU C 210 17.35 -32.94 5.72
C LEU C 210 17.86 -33.36 7.11
N HIS C 211 18.18 -34.65 7.27
CA HIS C 211 18.57 -35.20 8.58
C HIS C 211 19.78 -34.52 9.21
N THR C 212 20.55 -33.76 8.41
CA THR C 212 21.72 -33.06 8.89
C THR C 212 21.49 -31.70 9.57
N LEU C 213 20.27 -31.15 9.46
CA LEU C 213 20.03 -29.75 9.79
C LEU C 213 19.65 -29.49 11.25
N SER C 214 20.04 -28.31 11.76
CA SER C 214 19.49 -27.78 13.01
C SER C 214 17.97 -27.81 12.92
N GLU C 215 17.29 -27.67 14.07
CA GLU C 215 15.83 -27.53 14.09
C GLU C 215 15.37 -26.31 13.30
N ASP C 216 16.07 -25.18 13.49
CA ASP C 216 15.73 -23.93 12.81
C ASP C 216 15.99 -23.99 11.31
N SER C 217 17.16 -24.49 10.91
CA SER C 217 17.50 -24.64 9.50
C SER C 217 16.49 -25.53 8.77
N TYR C 218 16.03 -26.57 9.48
CA TYR C 218 15.09 -27.53 8.94
C TYR C 218 13.80 -26.83 8.51
N LYS C 219 13.28 -25.93 9.37
CA LYS C 219 12.04 -25.19 9.08
C LYS C 219 12.15 -24.26 7.86
N ASP C 220 13.31 -23.60 7.73
CA ASP C 220 13.62 -22.75 6.59
C ASP C 220 13.61 -23.51 5.25
N SER C 221 14.35 -24.64 5.23
CA SER C 221 14.51 -25.44 4.03
C SER C 221 13.18 -26.08 3.60
N THR C 222 12.41 -26.59 4.57
CA THR C 222 11.21 -27.35 4.27
C THR C 222 10.11 -26.43 3.77
N LEU C 223 10.09 -25.17 4.25
CA LEU C 223 9.22 -24.12 3.72
C LEU C 223 9.33 -23.99 2.20
N ILE C 224 10.56 -23.81 1.68
CA ILE C 224 10.78 -23.73 0.25
C ILE C 224 10.54 -25.06 -0.47
N MET C 225 10.92 -26.18 0.16
CA MET C 225 10.62 -27.48 -0.46
C MET C 225 9.14 -27.71 -0.67
N GLN C 226 8.30 -27.21 0.24
CA GLN C 226 6.86 -27.34 0.14
C GLN C 226 6.31 -26.54 -1.05
N LEU C 227 6.94 -25.39 -1.36
CA LEU C 227 6.48 -24.59 -2.48
C LEU C 227 6.90 -25.26 -3.77
N LEU C 228 8.10 -25.86 -3.78
CA LEU C 228 8.52 -26.71 -4.87
C LEU C 228 7.46 -27.79 -5.11
N ARG C 229 6.95 -28.35 -4.02
CA ARG C 229 5.94 -29.40 -4.08
C ARG C 229 4.62 -28.86 -4.64
N ASP C 230 4.14 -27.74 -4.06
CA ASP C 230 2.94 -27.05 -4.53
C ASP C 230 2.97 -26.83 -6.03
N ASN C 231 4.12 -26.36 -6.56
CA ASN C 231 4.28 -26.17 -7.98
C ASN C 231 4.27 -27.45 -8.81
N LEU C 232 4.86 -28.53 -8.28
CA LEU C 232 4.86 -29.79 -8.99
C LEU C 232 3.44 -30.33 -9.07
N THR C 233 2.67 -30.25 -7.99
CA THR C 233 1.26 -30.58 -8.00
C THR C 233 0.46 -29.77 -9.01
N LEU C 234 0.83 -28.49 -9.19
CA LEU C 234 0.18 -27.61 -10.15
C LEU C 234 0.53 -27.95 -11.60
N TRP C 235 1.81 -28.29 -11.84
CA TRP C 235 2.34 -28.47 -13.18
C TRP C 235 2.10 -29.89 -13.70
N THR C 236 1.62 -30.77 -12.81
CA THR C 236 1.17 -32.11 -13.15
C THR C 236 -0.18 -32.45 -12.41
N ILE D 1 -4.27 -20.22 -11.92
CA ILE D 1 -3.39 -20.10 -10.74
C ILE D 1 -1.94 -19.97 -11.21
N ARG D 2 -1.27 -18.91 -10.76
CA ARG D 2 0.14 -18.72 -11.06
C ARG D 2 1.05 -19.57 -10.17
N SER D 3 2.17 -20.01 -10.71
CA SER D 3 3.20 -20.68 -9.94
C SER D 3 3.66 -19.83 -8.74
N THR D 4 4.11 -20.50 -7.66
CA THR D 4 4.49 -19.79 -6.47
C THR D 4 6.00 -19.60 -6.52
N THR D 6 9.54 -17.68 -4.46
CA THR D 6 10.00 -17.55 -3.09
C THR D 6 9.29 -16.41 -2.40
N PRO D 7 8.74 -16.65 -1.20
CA PRO D 7 8.00 -15.61 -0.47
C PRO D 7 8.87 -14.45 -0.03
N ASN D 8 8.21 -13.30 0.12
CA ASN D 8 8.85 -12.08 0.58
C ASN D 8 8.85 -11.97 2.11
N VAL D 9 9.66 -12.84 2.75
CA VAL D 9 9.78 -12.85 4.19
C VAL D 9 11.25 -12.86 4.53
N HIS D 10 11.59 -12.41 5.75
CA HIS D 10 12.94 -12.53 6.24
C HIS D 10 13.34 -14.01 6.39
N MET D 11 14.53 -14.36 5.92
CA MET D 11 15.06 -15.71 6.04
C MET D 11 16.41 -15.59 6.71
#